data_8RDA
#
_entry.id   8RDA
#
_cell.length_a   60.665
_cell.length_b   131.588
_cell.length_c   145.096
_cell.angle_alpha   90.000
_cell.angle_beta   90.000
_cell.angle_gamma   90.000
#
_symmetry.space_group_name_H-M   'C 2 2 21'
#
loop_
_entity.id
_entity.type
_entity.pdbx_description
1 polymer 'Fab CA4 H chain'
2 polymer 'Fab CA4 L chain'
3 non-polymer 'Haemophilus influenzae type b (Hib) DP2 oligosaccharide'
4 non-polymer 'ZINC ION'
5 non-polymer 1,2-ETHANEDIOL
6 water water
#
loop_
_entity_poly.entity_id
_entity_poly.type
_entity_poly.pdbx_seq_one_letter_code
_entity_poly.pdbx_strand_id
1 'polypeptide(L)'
;EVQLVESGGGLVTPGGSLRLSCAASGFTFNTYSMNWVRQAPGKGLEWVSSISRSSDYIYYADSVKGRFTISRDNAKNSVY
LQMTSLRDEDTAVYYCARDPGGMPTTVTTWLYWGQGTLVTVSSASTKGPSVFPLAPSSKSTSGGTAALGCLVKDYFPEPV
TVSWNSGALTSGVHTFPAVLQSSGLYSLSSVVTVPSSSLGTQTYICNVNHKPSNTKVDKRVEPKSC
;
H
2 'polypeptide(L)'
;EIVLTQSPGTLSLSPGERATLSCRASQSVTSNYLAWYQQKPGQAPRLLIYDTSRRATGIPDRFSGSGSATDFTLTISRLE
PDDFAIYYCQQYGSSPPVTFGHGTKVEIKRTVAAPSVFIFPPSDEQLKSGTASVVCLLNNFYPREAKVQWKVDNALQSGN
SQESVTEQDSKDSTYSLSSTLTLSKADYEKHKVYACEVTHQGLSSPVTKSFNRGEC
;
L
#
# COMPACT_ATOMS: atom_id res chain seq x y z
N GLU A 1 6.23 -19.51 -18.67
CA GLU A 1 5.92 -18.63 -17.55
C GLU A 1 6.75 -17.35 -17.63
N VAL A 2 6.08 -16.22 -17.82
CA VAL A 2 6.76 -14.93 -17.93
C VAL A 2 7.06 -14.41 -16.54
N GLN A 3 8.32 -14.03 -16.32
CA GLN A 3 8.76 -13.56 -15.01
C GLN A 3 9.73 -12.40 -15.16
N LEU A 4 9.47 -11.32 -14.42
CA LEU A 4 10.38 -10.19 -14.29
C LEU A 4 10.70 -10.01 -12.81
N VAL A 5 11.97 -9.80 -12.49
CA VAL A 5 12.43 -9.69 -11.11
C VAL A 5 13.42 -8.53 -11.01
N GLU A 6 13.01 -7.44 -10.37
CA GLU A 6 13.91 -6.32 -10.12
C GLU A 6 14.79 -6.59 -8.91
N SER A 7 15.89 -5.86 -8.83
CA SER A 7 16.80 -5.94 -7.69
C SER A 7 17.69 -4.70 -7.68
N GLY A 8 18.25 -4.43 -6.50
CA GLY A 8 19.23 -3.36 -6.35
C GLY A 8 18.77 -2.17 -5.55
N GLY A 9 17.48 -2.07 -5.22
CA GLY A 9 16.99 -0.92 -4.48
C GLY A 9 17.44 -0.93 -3.03
N GLY A 10 17.27 0.22 -2.40
CA GLY A 10 17.64 0.35 -0.99
C GLY A 10 17.74 1.82 -0.60
N LEU A 11 18.40 2.05 0.53
CA LEU A 11 18.60 3.39 1.06
C LEU A 11 19.85 4.00 0.44
N VAL A 12 19.71 5.25 -0.02
CA VAL A 12 20.81 5.97 -0.65
C VAL A 12 20.72 7.44 -0.25
N THR A 13 21.88 8.04 0.04
CA THR A 13 21.90 9.43 0.46
C THR A 13 21.62 10.35 -0.72
N PRO A 14 21.07 11.54 -0.47
CA PRO A 14 20.80 12.48 -1.57
C PRO A 14 22.06 12.81 -2.34
N GLY A 15 21.94 12.85 -3.67
CA GLY A 15 23.06 13.05 -4.55
C GLY A 15 23.84 11.81 -4.88
N GLY A 16 23.54 10.68 -4.24
CA GLY A 16 24.25 9.45 -4.48
C GLY A 16 23.80 8.76 -5.75
N SER A 17 24.26 7.52 -5.91
CA SER A 17 24.00 6.74 -7.11
C SER A 17 23.62 5.32 -6.73
N LEU A 18 22.76 4.71 -7.56
CA LEU A 18 22.29 3.35 -7.33
C LEU A 18 21.98 2.71 -8.67
N ARG A 19 22.34 1.43 -8.79
CA ARG A 19 22.16 0.67 -10.03
C ARG A 19 21.11 -0.42 -9.80
N LEU A 20 20.09 -0.43 -10.65
CA LEU A 20 19.00 -1.39 -10.55
C LEU A 20 19.13 -2.45 -11.64
N SER A 21 18.75 -3.68 -11.31
CA SER A 21 18.81 -4.79 -12.24
C SER A 21 17.41 -5.36 -12.43
N CYS A 22 17.23 -6.07 -13.55
CA CYS A 22 15.97 -6.76 -13.82
C CYS A 22 16.27 -7.93 -14.75
N ALA A 23 16.12 -9.15 -14.23
CA ALA A 23 16.27 -10.35 -15.02
C ALA A 23 14.89 -10.83 -15.49
N ALA A 24 14.86 -11.38 -16.70
CA ALA A 24 13.61 -11.78 -17.35
C ALA A 24 13.73 -13.18 -17.91
N SER A 25 12.57 -13.84 -18.04
CA SER A 25 12.51 -15.18 -18.60
C SER A 25 11.06 -15.47 -18.98
N GLY A 26 10.90 -16.49 -19.82
CA GLY A 26 9.59 -16.90 -20.30
C GLY A 26 9.18 -16.34 -21.64
N PHE A 27 10.07 -15.63 -22.33
CA PHE A 27 9.77 -15.06 -23.63
C PHE A 27 11.07 -14.73 -24.33
N THR A 28 11.00 -14.51 -25.63
CA THR A 28 12.16 -14.10 -26.41
C THR A 28 12.53 -12.68 -26.04
N PHE A 29 13.51 -12.53 -25.14
CA PHE A 29 13.86 -11.22 -24.60
C PHE A 29 14.31 -10.26 -25.69
N ASN A 30 15.03 -10.78 -26.70
CA ASN A 30 15.66 -9.94 -27.73
C ASN A 30 14.66 -9.39 -28.75
N THR A 31 13.37 -9.70 -28.64
CA THR A 31 12.37 -9.17 -29.55
C THR A 31 11.45 -8.17 -28.86
N TYR A 32 11.82 -7.68 -27.69
CA TYR A 32 10.94 -6.85 -26.88
C TYR A 32 11.68 -5.61 -26.40
N SER A 33 10.99 -4.48 -26.44
CA SER A 33 11.44 -3.33 -25.67
C SER A 33 11.29 -3.63 -24.18
N MET A 34 12.20 -3.06 -23.39
CA MET A 34 12.15 -3.17 -21.94
C MET A 34 12.01 -1.78 -21.34
N ASN A 35 11.32 -1.70 -20.20
CA ASN A 35 10.87 -0.42 -19.68
C ASN A 35 11.00 -0.39 -18.16
N TRP A 36 11.30 0.80 -17.65
CA TRP A 36 11.32 1.07 -16.22
C TRP A 36 10.22 2.07 -15.89
N VAL A 37 9.36 1.70 -14.94
CA VAL A 37 8.27 2.55 -14.49
C VAL A 37 8.30 2.60 -12.96
N ARG A 38 8.13 3.80 -12.40
CA ARG A 38 8.25 3.98 -10.96
C ARG A 38 6.94 4.51 -10.38
N GLN A 39 6.80 4.35 -9.06
CA GLN A 39 5.61 4.80 -8.34
C GLN A 39 6.04 5.25 -6.95
N ALA A 40 5.94 6.54 -6.70
CA ALA A 40 6.29 7.08 -5.39
C ALA A 40 5.26 6.62 -4.36
N PRO A 41 5.66 6.52 -3.08
CA PRO A 41 4.73 6.06 -2.04
C PRO A 41 3.47 6.93 -1.98
N GLY A 42 2.33 6.29 -2.19
CA GLY A 42 1.04 6.94 -2.08
C GLY A 42 0.57 7.67 -3.32
N LYS A 43 1.36 7.68 -4.39
CA LYS A 43 1.02 8.42 -5.60
C LYS A 43 0.78 7.46 -6.76
N GLY A 44 0.69 8.01 -7.97
CA GLY A 44 0.43 7.24 -9.17
C GLY A 44 1.70 6.75 -9.83
N LEU A 45 1.55 6.31 -11.06
CA LEU A 45 2.64 5.72 -11.84
C LEU A 45 3.29 6.76 -12.74
N GLU A 46 4.58 6.58 -12.99
CA GLU A 46 5.35 7.48 -13.85
C GLU A 46 6.36 6.68 -14.65
N TRP A 47 6.25 6.74 -15.97
CA TRP A 47 7.21 6.07 -16.83
C TRP A 47 8.59 6.73 -16.70
N VAL A 48 9.62 5.90 -16.53
CA VAL A 48 10.98 6.40 -16.33
C VAL A 48 11.74 6.38 -17.64
N SER A 49 11.94 5.20 -18.21
CA SER A 49 12.76 5.07 -19.41
C SER A 49 12.48 3.72 -20.08
N SER A 50 12.83 3.64 -21.35
CA SER A 50 12.67 2.44 -22.14
C SER A 50 13.86 2.28 -23.09
N ILE A 51 14.03 1.07 -23.61
CA ILE A 51 15.12 0.78 -24.54
C ILE A 51 14.65 -0.29 -25.52
N SER A 52 14.97 -0.10 -26.80
CA SER A 52 14.50 -0.99 -27.84
C SER A 52 15.20 -2.34 -27.74
N ARG A 53 14.82 -3.26 -28.65
CA ARG A 53 15.24 -4.65 -28.51
C ARG A 53 16.74 -4.82 -28.69
N SER A 54 17.38 -3.96 -29.50
CA SER A 54 18.82 -4.00 -29.73
C SER A 54 19.50 -2.69 -29.37
N SER A 55 18.91 -1.92 -28.47
CA SER A 55 19.52 -0.73 -27.87
C SER A 55 19.74 0.40 -28.87
N ASP A 56 19.03 0.40 -30.01
CA ASP A 56 19.21 1.48 -30.97
C ASP A 56 18.46 2.74 -30.57
N TYR A 57 17.36 2.61 -29.83
CA TYR A 57 16.50 3.72 -29.46
C TYR A 57 16.32 3.74 -27.95
N ILE A 58 16.71 4.84 -27.32
CA ILE A 58 16.69 4.97 -25.87
C ILE A 58 15.92 6.24 -25.52
N TYR A 59 14.94 6.10 -24.62
CA TYR A 59 14.05 7.18 -24.25
C TYR A 59 14.06 7.38 -22.74
N TYR A 60 13.93 8.64 -22.33
CA TYR A 60 13.89 9.00 -20.92
C TYR A 60 12.76 9.99 -20.66
N ALA A 61 12.25 9.98 -19.44
CA ALA A 61 11.39 11.06 -18.98
C ALA A 61 12.24 12.27 -18.64
N ASP A 62 11.68 13.46 -18.86
CA ASP A 62 12.42 14.70 -18.64
C ASP A 62 12.99 14.78 -17.23
N SER A 63 12.30 14.18 -16.26
CA SER A 63 12.72 14.29 -14.87
C SER A 63 14.02 13.53 -14.58
N VAL A 64 14.44 12.62 -15.47
CA VAL A 64 15.62 11.80 -15.24
C VAL A 64 16.69 11.98 -16.31
N LYS A 65 16.42 12.76 -17.36
CA LYS A 65 17.41 12.94 -18.42
C LYS A 65 18.68 13.56 -17.85
N GLY A 66 19.82 13.07 -18.32
CA GLY A 66 21.11 13.50 -17.81
C GLY A 66 21.48 12.93 -16.47
N ARG A 67 20.61 12.12 -15.85
CA ARG A 67 20.88 11.50 -14.56
C ARG A 67 20.75 9.99 -14.58
N PHE A 68 19.78 9.45 -15.31
CA PHE A 68 19.54 8.03 -15.38
C PHE A 68 19.99 7.50 -16.74
N THR A 69 20.60 6.31 -16.74
CA THR A 69 21.04 5.66 -17.96
C THR A 69 20.50 4.25 -17.99
N ILE A 70 19.77 3.91 -19.04
CA ILE A 70 19.22 2.57 -19.23
C ILE A 70 20.12 1.81 -20.19
N SER A 71 20.21 0.50 -19.97
CA SER A 71 21.00 -0.38 -20.83
C SER A 71 20.47 -1.79 -20.67
N ARG A 72 20.89 -2.68 -21.57
CA ARG A 72 20.42 -4.05 -21.55
C ARG A 72 21.52 -4.98 -22.06
N ASP A 73 21.38 -6.25 -21.71
CA ASP A 73 22.23 -7.32 -22.23
C ASP A 73 21.31 -8.47 -22.62
N ASN A 74 21.19 -8.70 -23.93
CA ASN A 74 20.28 -9.74 -24.42
C ASN A 74 20.82 -11.14 -24.15
N ALA A 75 22.12 -11.28 -23.88
CA ALA A 75 22.67 -12.58 -23.50
C ALA A 75 22.39 -12.92 -22.05
N LYS A 76 22.14 -11.93 -21.21
CA LYS A 76 21.77 -12.15 -19.81
C LYS A 76 20.29 -11.93 -19.55
N ASN A 77 19.51 -11.61 -20.58
CA ASN A 77 18.08 -11.33 -20.44
C ASN A 77 17.83 -10.30 -19.35
N SER A 78 18.61 -9.23 -19.37
CA SER A 78 18.60 -8.24 -18.30
C SER A 78 18.55 -6.84 -18.86
N VAL A 79 17.77 -5.98 -18.21
CA VAL A 79 17.77 -4.54 -18.46
C VAL A 79 18.19 -3.86 -17.16
N TYR A 80 18.97 -2.79 -17.29
CA TYR A 80 19.56 -2.12 -16.14
C TYR A 80 19.20 -0.64 -16.16
N LEU A 81 19.26 -0.03 -14.98
CA LEU A 81 19.01 1.40 -14.82
C LEU A 81 20.04 1.96 -13.86
N GLN A 82 20.98 2.73 -14.38
CA GLN A 82 22.00 3.40 -13.57
C GLN A 82 21.49 4.78 -13.18
N MET A 83 21.27 4.99 -11.88
CA MET A 83 20.77 6.25 -11.36
C MET A 83 21.90 7.02 -10.69
N THR A 84 21.99 8.32 -10.99
CA THR A 84 22.97 9.19 -10.37
C THR A 84 22.30 10.49 -9.95
N SER A 85 22.94 11.21 -9.03
CA SER A 85 22.44 12.46 -8.48
C SER A 85 20.98 12.30 -8.00
N LEU A 86 20.79 11.34 -7.11
CA LEU A 86 19.45 10.97 -6.70
C LEU A 86 18.83 12.03 -5.81
N ARG A 87 17.53 12.26 -5.99
CA ARG A 87 16.78 13.27 -5.26
C ARG A 87 15.70 12.61 -4.41
N ASP A 88 15.16 13.39 -3.48
CA ASP A 88 14.03 12.92 -2.69
C ASP A 88 12.84 12.57 -3.57
N GLU A 89 12.67 13.28 -4.68
CA GLU A 89 11.59 13.02 -5.63
C GLU A 89 11.76 11.69 -6.36
N ASP A 90 12.93 11.06 -6.27
CA ASP A 90 13.17 9.77 -6.89
C ASP A 90 12.78 8.60 -6.01
N THR A 91 12.43 8.85 -4.74
CA THR A 91 11.99 7.79 -3.85
C THR A 91 10.72 7.14 -4.39
N ALA A 92 10.81 5.86 -4.75
CA ALA A 92 9.69 5.18 -5.38
C ALA A 92 9.98 3.69 -5.44
N VAL A 93 8.91 2.91 -5.64
CA VAL A 93 9.03 1.54 -6.10
C VAL A 93 9.33 1.57 -7.59
N TYR A 94 10.37 0.88 -8.01
CA TYR A 94 10.81 0.89 -9.41
C TYR A 94 10.46 -0.44 -10.04
N TYR A 95 9.65 -0.40 -11.10
CA TYR A 95 9.11 -1.59 -11.74
C TYR A 95 9.82 -1.86 -13.06
N CYS A 96 10.10 -3.14 -13.31
CA CYS A 96 10.48 -3.62 -14.63
C CYS A 96 9.22 -4.06 -15.35
N ALA A 97 9.06 -3.64 -16.61
CA ALA A 97 7.80 -3.87 -17.31
C ALA A 97 8.05 -4.23 -18.77
N ARG A 98 7.09 -4.97 -19.33
CA ARG A 98 7.15 -5.43 -20.72
C ARG A 98 5.77 -5.26 -21.36
N ASP A 99 5.78 -4.95 -22.66
CA ASP A 99 4.55 -4.66 -23.38
C ASP A 99 3.81 -5.94 -23.75
N PRO A 100 2.55 -5.85 -24.18
CA PRO A 100 1.80 -7.07 -24.52
C PRO A 100 2.34 -7.84 -25.72
N GLY A 101 3.19 -7.23 -26.53
CA GLY A 101 3.71 -7.92 -27.70
C GLY A 101 3.07 -7.44 -28.98
N GLY A 102 3.85 -7.46 -30.06
CA GLY A 102 3.37 -6.98 -31.34
C GLY A 102 3.07 -5.50 -31.36
N MET A 103 3.68 -4.72 -30.47
CA MET A 103 3.40 -3.30 -30.35
C MET A 103 4.20 -2.51 -31.39
N PRO A 104 3.69 -1.34 -31.81
CA PRO A 104 4.29 -0.65 -32.97
C PRO A 104 5.50 0.21 -32.66
N THR A 105 5.82 0.46 -31.39
CA THR A 105 6.96 1.31 -31.06
C THR A 105 7.54 0.91 -29.71
N THR A 106 8.59 1.61 -29.30
CA THR A 106 9.36 1.21 -28.13
C THR A 106 8.61 1.46 -26.83
N VAL A 107 7.84 2.56 -26.77
CA VAL A 107 7.17 2.97 -25.54
C VAL A 107 5.66 2.93 -25.80
N THR A 108 4.98 1.95 -25.19
CA THR A 108 3.54 1.83 -25.33
C THR A 108 2.86 1.63 -23.97
N THR A 109 2.34 0.42 -23.75
CA THR A 109 1.71 0.03 -22.49
C THR A 109 2.28 -1.32 -22.07
N TRP A 110 2.01 -1.73 -20.84
CA TRP A 110 2.76 -2.80 -20.21
C TRP A 110 1.84 -3.84 -19.61
N LEU A 111 2.01 -5.10 -20.04
CA LEU A 111 1.22 -6.23 -19.59
C LEU A 111 1.86 -6.97 -18.43
N TYR A 112 3.18 -7.16 -18.46
CA TYR A 112 3.90 -7.88 -17.42
C TYR A 112 4.70 -6.91 -16.57
N TRP A 113 4.65 -7.11 -15.25
CA TRP A 113 5.37 -6.28 -14.30
C TRP A 113 6.11 -7.17 -13.33
N GLY A 114 7.27 -6.68 -12.87
CA GLY A 114 7.97 -7.34 -11.79
C GLY A 114 7.38 -7.01 -10.44
N GLN A 115 8.00 -7.55 -9.39
CA GLN A 115 7.56 -7.25 -8.04
C GLN A 115 7.88 -5.81 -7.66
N GLY A 116 8.92 -5.23 -8.27
CA GLY A 116 9.33 -3.89 -7.94
C GLY A 116 10.33 -3.87 -6.80
N THR A 117 11.30 -2.97 -6.87
CA THR A 117 12.30 -2.80 -5.82
C THR A 117 12.21 -1.38 -5.28
N LEU A 118 12.23 -1.24 -3.97
CA LEU A 118 12.00 0.05 -3.32
C LEU A 118 13.31 0.81 -3.21
N VAL A 119 13.31 2.04 -3.73
CA VAL A 119 14.46 2.94 -3.64
C VAL A 119 14.07 4.10 -2.73
N THR A 120 14.83 4.27 -1.65
CA THR A 120 14.57 5.32 -0.67
C THR A 120 15.75 6.28 -0.67
N VAL A 121 15.49 7.52 -1.06
CA VAL A 121 16.51 8.56 -1.12
C VAL A 121 16.32 9.48 0.07
N SER A 122 17.21 9.39 1.05
CA SER A 122 17.19 10.26 2.22
C SER A 122 18.50 10.07 2.98
N SER A 123 18.92 11.13 3.68
CA SER A 123 20.12 11.08 4.49
C SER A 123 19.88 10.49 5.87
N ALA A 124 18.65 10.13 6.21
CA ALA A 124 18.37 9.47 7.46
C ALA A 124 19.03 8.10 7.51
N SER A 125 19.47 7.71 8.70
CA SER A 125 20.21 6.47 8.87
C SER A 125 19.26 5.28 9.08
N THR A 126 19.74 4.10 8.69
CA THR A 126 18.98 2.88 8.87
C THR A 126 18.78 2.59 10.36
N LYS A 127 17.56 2.20 10.73
CA LYS A 127 17.27 1.86 12.11
C LYS A 127 16.23 0.74 12.14
N GLY A 128 16.54 -0.32 12.88
CA GLY A 128 15.62 -1.40 13.09
C GLY A 128 14.57 -1.05 14.12
N PRO A 129 13.42 -1.72 14.07
CA PRO A 129 12.31 -1.36 14.94
C PRO A 129 12.38 -2.05 16.30
N SER A 130 11.66 -1.44 17.25
CA SER A 130 11.35 -2.09 18.52
C SER A 130 9.99 -2.74 18.40
N VAL A 131 9.87 -3.96 18.92
CA VAL A 131 8.64 -4.74 18.83
C VAL A 131 8.09 -4.90 20.24
N PHE A 132 6.98 -4.21 20.53
CA PHE A 132 6.34 -4.28 21.83
C PHE A 132 5.03 -5.05 21.74
N PRO A 133 4.73 -5.87 22.74
CA PRO A 133 3.47 -6.62 22.70
C PRO A 133 2.27 -5.77 23.09
N LEU A 134 1.13 -6.12 22.51
CA LEU A 134 -0.16 -5.53 22.84
C LEU A 134 -0.97 -6.63 23.54
N ALA A 135 -0.92 -6.62 24.87
CA ALA A 135 -1.46 -7.73 25.63
C ALA A 135 -2.98 -7.73 25.59
N PRO A 136 -3.61 -8.90 25.51
CA PRO A 136 -5.07 -8.96 25.61
C PRO A 136 -5.53 -8.76 27.05
N SER A 137 -6.68 -8.12 27.20
CA SER A 137 -7.20 -7.81 28.53
C SER A 137 -8.31 -8.76 28.93
N SER A 138 -9.23 -8.29 29.77
CA SER A 138 -10.32 -9.13 30.27
C SER A 138 -11.68 -8.53 29.95
N THR A 141 -13.69 -7.49 26.23
CA THR A 141 -14.33 -8.70 25.75
C THR A 141 -15.66 -8.40 25.07
N SER A 142 -15.61 -8.03 23.80
CA SER A 142 -16.79 -7.65 23.04
C SER A 142 -17.43 -8.89 22.43
N GLY A 143 -18.53 -9.34 23.03
CA GLY A 143 -19.21 -10.53 22.55
C GLY A 143 -18.35 -11.78 22.62
N GLY A 144 -17.45 -11.86 23.59
CA GLY A 144 -16.54 -12.97 23.70
C GLY A 144 -15.27 -12.83 22.88
N THR A 145 -15.04 -11.69 22.25
CA THR A 145 -13.89 -11.48 21.39
C THR A 145 -12.81 -10.71 22.13
N ALA A 146 -11.59 -11.23 22.12
CA ALA A 146 -10.43 -10.54 22.64
C ALA A 146 -9.56 -10.07 21.48
N ALA A 147 -8.59 -9.21 21.79
CA ALA A 147 -7.68 -8.68 20.78
C ALA A 147 -6.27 -8.62 21.34
N LEU A 148 -5.30 -8.96 20.50
CA LEU A 148 -3.88 -8.84 20.83
C LEU A 148 -3.15 -8.38 19.59
N GLY A 149 -1.89 -7.99 19.77
CA GLY A 149 -1.10 -7.55 18.63
C GLY A 149 0.33 -7.24 19.03
N CYS A 150 1.05 -6.67 18.06
CA CYS A 150 2.43 -6.28 18.25
C CYS A 150 2.63 -4.88 17.68
N LEU A 151 3.26 -4.01 18.46
CA LEU A 151 3.56 -2.65 18.02
C LEU A 151 4.99 -2.61 17.49
N VAL A 152 5.13 -2.33 16.20
CA VAL A 152 6.42 -2.24 15.53
C VAL A 152 6.73 -0.76 15.38
N LYS A 153 7.55 -0.23 16.29
CA LYS A 153 7.72 1.21 16.45
C LYS A 153 9.12 1.65 16.06
N ASP A 154 9.20 2.83 15.43
CA ASP A 154 10.45 3.54 15.17
C ASP A 154 11.43 2.73 14.32
N TYR A 155 11.22 2.71 13.00
CA TYR A 155 12.15 2.06 12.09
C TYR A 155 12.29 2.90 10.82
N PHE A 156 13.39 2.67 10.12
CA PHE A 156 13.68 3.34 8.85
C PHE A 156 14.76 2.55 8.13
N PRO A 157 14.62 2.32 6.83
CA PRO A 157 13.48 2.76 6.02
C PRO A 157 12.41 1.67 5.93
N GLU A 158 11.40 1.91 5.09
CA GLU A 158 10.45 0.87 4.75
C GLU A 158 11.15 -0.24 3.98
N PRO A 159 10.60 -1.46 4.00
CA PRO A 159 9.40 -1.92 4.70
C PRO A 159 9.69 -2.87 5.86
N VAL A 160 8.64 -3.21 6.61
CA VAL A 160 8.67 -4.35 7.52
C VAL A 160 7.51 -5.26 7.16
N THR A 161 7.70 -6.56 7.40
CA THR A 161 6.65 -7.55 7.21
C THR A 161 6.33 -8.19 8.55
N VAL A 162 5.08 -8.64 8.70
CA VAL A 162 4.62 -9.26 9.93
C VAL A 162 3.80 -10.49 9.58
N SER A 163 4.09 -11.60 10.27
CA SER A 163 3.27 -12.80 10.21
C SER A 163 3.02 -13.27 11.65
N TRP A 164 2.07 -14.17 11.80
CA TRP A 164 1.68 -14.68 13.11
C TRP A 164 1.84 -16.19 13.16
N ASN A 165 2.53 -16.67 14.21
CA ASN A 165 2.80 -18.09 14.39
C ASN A 165 3.47 -18.69 13.15
N SER A 166 4.43 -17.95 12.59
CA SER A 166 5.19 -18.38 11.42
C SER A 166 4.26 -18.70 10.24
N GLY A 167 3.17 -17.94 10.14
CA GLY A 167 2.24 -18.02 9.04
C GLY A 167 1.03 -18.89 9.27
N ALA A 168 1.00 -19.67 10.36
CA ALA A 168 -0.12 -20.57 10.58
C ALA A 168 -1.40 -19.83 10.93
N LEU A 169 -1.30 -18.67 11.57
CA LEU A 169 -2.46 -17.90 11.99
C LEU A 169 -2.68 -16.75 11.02
N THR A 170 -3.84 -16.77 10.35
CA THR A 170 -4.15 -15.74 9.36
C THR A 170 -5.54 -15.16 9.57
N SER A 171 -6.45 -15.93 10.16
CA SER A 171 -7.81 -15.47 10.34
C SER A 171 -7.89 -14.39 11.41
N GLY A 172 -8.67 -13.35 11.13
CA GLY A 172 -8.83 -12.24 12.05
C GLY A 172 -7.64 -11.31 12.16
N VAL A 173 -6.59 -11.53 11.37
CA VAL A 173 -5.38 -10.71 11.45
C VAL A 173 -5.59 -9.44 10.64
N HIS A 174 -5.23 -8.30 11.22
CA HIS A 174 -5.24 -7.02 10.53
C HIS A 174 -3.87 -6.36 10.73
N THR A 175 -3.05 -6.37 9.70
CA THR A 175 -1.74 -5.71 9.73
C THR A 175 -1.87 -4.36 9.04
N PHE A 176 -1.71 -3.29 9.81
CA PHE A 176 -2.02 -1.96 9.32
C PHE A 176 -0.85 -1.38 8.52
N PRO A 177 -1.15 -0.55 7.52
CA PRO A 177 -0.08 0.19 6.84
C PRO A 177 0.67 1.09 7.82
N ALA A 178 1.96 1.28 7.55
CA ALA A 178 2.78 2.09 8.42
C ALA A 178 2.40 3.56 8.32
N VAL A 179 2.69 4.30 9.38
CA VAL A 179 2.52 5.74 9.39
C VAL A 179 3.89 6.38 9.64
N LEU A 180 4.08 7.56 9.08
CA LEU A 180 5.31 8.32 9.27
C LEU A 180 5.13 9.26 10.45
N GLN A 181 5.89 9.03 11.52
CA GLN A 181 5.84 9.90 12.68
C GLN A 181 6.55 11.22 12.39
N SER A 182 6.39 12.17 13.31
CA SER A 182 7.05 13.46 13.15
C SER A 182 8.56 13.33 13.24
N SER A 183 9.06 12.35 13.98
CA SER A 183 10.50 12.13 14.12
C SER A 183 11.15 11.61 12.84
N GLY A 184 10.37 11.33 11.80
CA GLY A 184 10.90 10.77 10.57
C GLY A 184 10.98 9.27 10.54
N LEU A 185 10.67 8.60 11.64
CA LEU A 185 10.70 7.14 11.71
C LEU A 185 9.29 6.59 11.52
N TYR A 186 9.22 5.37 10.99
CA TYR A 186 7.94 4.74 10.71
C TYR A 186 7.47 3.92 11.91
N SER A 187 6.21 3.50 11.85
CA SER A 187 5.57 2.76 12.93
C SER A 187 4.34 2.07 12.38
N LEU A 188 4.10 0.84 12.84
CA LEU A 188 2.88 0.13 12.46
C LEU A 188 2.52 -0.88 13.54
N SER A 189 1.26 -1.32 13.48
CA SER A 189 0.74 -2.35 14.37
C SER A 189 0.15 -3.49 13.54
N SER A 190 0.23 -4.70 14.08
CA SER A 190 -0.44 -5.86 13.52
C SER A 190 -1.23 -6.51 14.62
N VAL A 191 -2.54 -6.62 14.43
CA VAL A 191 -3.45 -7.08 15.47
C VAL A 191 -4.15 -8.36 15.02
N VAL A 192 -4.59 -9.13 16.00
CA VAL A 192 -5.41 -10.32 15.76
C VAL A 192 -6.55 -10.33 16.78
N THR A 193 -7.76 -10.62 16.32
CA THR A 193 -8.88 -10.87 17.21
C THR A 193 -9.09 -12.38 17.34
N VAL A 194 -9.29 -12.83 18.57
CA VAL A 194 -9.53 -14.25 18.84
C VAL A 194 -10.60 -14.39 19.91
N PRO A 195 -11.29 -15.53 19.93
CA PRO A 195 -12.17 -15.81 21.05
C PRO A 195 -11.41 -15.83 22.36
N SER A 196 -12.07 -15.40 23.43
CA SER A 196 -11.39 -15.18 24.69
C SER A 196 -10.80 -16.48 25.24
N SER A 197 -11.54 -17.57 25.15
CA SER A 197 -11.08 -18.83 25.72
C SER A 197 -9.90 -19.43 24.96
N SER A 198 -9.64 -18.97 23.73
CA SER A 198 -8.48 -19.45 23.00
C SER A 198 -7.17 -18.93 23.58
N LEU A 199 -7.24 -17.87 24.42
CA LEU A 199 -6.03 -17.36 25.06
C LEU A 199 -5.41 -18.36 26.03
N GLY A 200 -6.15 -19.40 26.40
CA GLY A 200 -5.63 -20.41 27.30
C GLY A 200 -5.18 -21.67 26.60
N THR A 201 -5.57 -21.83 25.33
CA THR A 201 -5.28 -23.06 24.58
C THR A 201 -4.42 -22.83 23.35
N GLN A 202 -3.87 -21.62 23.17
CA GLN A 202 -3.03 -21.35 22.02
C GLN A 202 -2.08 -20.20 22.34
N THR A 203 -0.84 -20.31 21.88
CA THR A 203 0.16 -19.27 22.04
C THR A 203 0.21 -18.41 20.79
N TYR A 204 0.51 -17.12 20.97
CA TYR A 204 0.49 -16.14 19.89
C TYR A 204 1.85 -15.46 19.81
N ILE A 205 2.51 -15.58 18.67
CA ILE A 205 3.84 -15.04 18.44
C ILE A 205 3.83 -14.25 17.14
N CYS A 206 4.26 -12.99 17.19
CA CYS A 206 4.35 -12.17 16.00
C CYS A 206 5.78 -12.25 15.45
N ASN A 207 5.89 -12.56 14.15
CA ASN A 207 7.17 -12.67 13.44
C ASN A 207 7.37 -11.40 12.64
N VAL A 208 8.17 -10.48 13.19
CA VAL A 208 8.45 -9.19 12.57
C VAL A 208 9.77 -9.30 11.81
N ASN A 209 9.78 -8.81 10.58
CA ASN A 209 10.97 -8.83 9.74
C ASN A 209 11.19 -7.44 9.17
N HIS A 210 12.35 -6.86 9.45
CA HIS A 210 12.78 -5.58 8.87
C HIS A 210 14.04 -5.87 8.07
N LYS A 211 13.84 -6.26 6.81
CA LYS A 211 14.98 -6.63 5.96
C LYS A 211 16.01 -5.51 5.79
N PRO A 212 15.64 -4.23 5.64
CA PRO A 212 16.68 -3.20 5.46
C PRO A 212 17.70 -3.13 6.57
N SER A 213 17.43 -3.71 7.75
CA SER A 213 18.37 -3.70 8.85
C SER A 213 18.73 -5.10 9.32
N ASN A 214 18.34 -6.14 8.59
CA ASN A 214 18.60 -7.53 8.97
C ASN A 214 18.03 -7.82 10.36
N THR A 215 16.79 -7.42 10.58
CA THR A 215 16.13 -7.55 11.87
C THR A 215 15.04 -8.62 11.76
N LYS A 216 15.14 -9.64 12.63
CA LYS A 216 14.11 -10.67 12.75
C LYS A 216 13.76 -10.80 14.23
N VAL A 217 12.52 -10.48 14.58
CA VAL A 217 12.07 -10.48 15.97
C VAL A 217 10.81 -11.32 16.07
N ASP A 218 10.82 -12.29 16.98
CA ASP A 218 9.64 -13.05 17.37
C ASP A 218 9.28 -12.66 18.79
N LYS A 219 8.06 -12.15 18.98
CA LYS A 219 7.61 -11.69 20.29
C LYS A 219 6.39 -12.50 20.71
N ARG A 220 6.48 -13.14 21.87
CA ARG A 220 5.34 -13.85 22.44
C ARG A 220 4.42 -12.85 23.13
N VAL A 221 3.15 -12.85 22.73
CA VAL A 221 2.14 -11.95 23.28
C VAL A 221 1.28 -12.73 24.25
N GLU A 222 1.26 -12.31 25.51
CA GLU A 222 0.61 -13.03 26.59
C GLU A 222 -0.36 -12.10 27.32
N PRO A 223 -1.36 -12.66 27.99
CA PRO A 223 -2.23 -11.84 28.83
C PRO A 223 -1.49 -11.31 30.04
N LYS A 224 -1.80 -10.07 30.42
CA LYS A 224 -1.16 -9.43 31.56
C LYS A 224 -1.78 -9.89 32.88
N GLU B 1 2.90 17.87 -22.74
CA GLU B 1 2.38 16.59 -22.27
C GLU B 1 0.86 16.55 -22.39
N ILE B 2 0.31 15.35 -22.49
CA ILE B 2 -1.13 15.15 -22.56
C ILE B 2 -1.63 14.82 -21.16
N VAL B 3 -2.54 15.64 -20.65
CA VAL B 3 -3.06 15.44 -19.29
C VAL B 3 -4.29 14.55 -19.36
N LEU B 4 -4.34 13.55 -18.50
CA LEU B 4 -5.48 12.65 -18.38
C LEU B 4 -6.18 12.92 -17.05
N THR B 5 -7.48 13.24 -17.12
CA THR B 5 -8.29 13.54 -15.95
C THR B 5 -9.34 12.44 -15.78
N GLN B 6 -9.24 11.70 -14.68
CA GLN B 6 -10.17 10.62 -14.38
C GLN B 6 -11.26 11.11 -13.44
N SER B 7 -12.47 10.61 -13.64
CA SER B 7 -13.62 10.95 -12.79
C SER B 7 -14.55 9.75 -12.75
N PRO B 8 -15.20 9.50 -11.61
CA PRO B 8 -15.05 10.27 -10.37
C PRO B 8 -13.80 9.87 -9.59
N GLY B 9 -13.44 10.66 -8.58
CA GLY B 9 -12.28 10.32 -7.78
C GLY B 9 -12.45 9.03 -7.02
N THR B 10 -13.62 8.86 -6.39
CA THR B 10 -13.95 7.66 -5.65
C THR B 10 -15.32 7.14 -6.11
N LEU B 11 -15.46 5.82 -6.12
CA LEU B 11 -16.70 5.17 -6.54
C LEU B 11 -17.08 4.13 -5.50
N SER B 12 -18.35 4.12 -5.11
CA SER B 12 -18.87 3.20 -4.10
C SER B 12 -20.15 2.58 -4.62
N LEU B 13 -20.11 1.27 -4.88
CA LEU B 13 -21.24 0.56 -5.46
C LEU B 13 -21.37 -0.82 -4.82
N SER B 14 -22.54 -1.43 -4.99
CA SER B 14 -22.90 -2.71 -4.44
C SER B 14 -22.48 -3.84 -5.38
N PRO B 15 -22.29 -5.05 -4.86
CA PRO B 15 -21.95 -6.18 -5.73
C PRO B 15 -23.03 -6.45 -6.76
N GLY B 16 -22.59 -6.74 -7.99
CA GLY B 16 -23.48 -6.97 -9.10
C GLY B 16 -23.83 -5.74 -9.91
N GLU B 17 -23.58 -4.55 -9.38
CA GLU B 17 -23.88 -3.32 -10.10
C GLU B 17 -22.78 -3.02 -11.12
N ARG B 18 -22.96 -1.93 -11.87
CA ARG B 18 -22.07 -1.57 -12.96
C ARG B 18 -21.34 -0.27 -12.62
N ALA B 19 -20.03 -0.27 -12.79
CA ALA B 19 -19.18 0.89 -12.53
C ALA B 19 -18.72 1.48 -13.85
N THR B 20 -18.94 2.78 -14.04
CA THR B 20 -18.55 3.48 -15.24
C THR B 20 -17.48 4.51 -14.89
N LEU B 21 -16.30 4.36 -15.50
CA LEU B 21 -15.14 5.20 -15.20
C LEU B 21 -14.78 6.01 -16.44
N SER B 22 -14.45 7.28 -16.23
CA SER B 22 -14.17 8.20 -17.32
C SER B 22 -12.69 8.57 -17.33
N CYS B 23 -12.14 8.74 -18.54
CA CYS B 23 -10.78 9.22 -18.72
C CYS B 23 -10.79 10.23 -19.85
N ARG B 24 -10.54 11.50 -19.52
CA ARG B 24 -10.55 12.59 -20.49
C ARG B 24 -9.13 13.08 -20.71
N ALA B 25 -8.78 13.31 -21.98
CA ALA B 25 -7.44 13.72 -22.36
C ALA B 25 -7.43 15.20 -22.76
N SER B 26 -6.33 15.87 -22.42
CA SER B 26 -6.19 17.28 -22.79
C SER B 26 -5.92 17.46 -24.27
N GLN B 27 -5.44 16.42 -24.95
CA GLN B 27 -5.25 16.44 -26.40
C GLN B 27 -5.80 15.13 -26.97
N SER B 28 -6.02 15.13 -28.29
CA SER B 28 -6.48 13.93 -28.96
C SER B 28 -5.42 12.84 -28.90
N VAL B 29 -5.83 11.64 -28.53
CA VAL B 29 -4.91 10.51 -28.40
C VAL B 29 -4.87 9.77 -29.73
N THR B 30 -3.68 9.68 -30.33
CA THR B 30 -3.56 9.16 -31.68
C THR B 30 -3.83 7.65 -31.72
N SER B 31 -4.66 7.22 -32.66
CA SER B 31 -4.93 5.81 -32.93
C SER B 31 -5.46 5.07 -31.71
N ASN B 32 -6.10 5.81 -30.80
CA ASN B 32 -6.78 5.23 -29.64
C ASN B 32 -5.82 4.41 -28.78
N TYR B 33 -4.61 4.93 -28.60
CA TYR B 33 -3.59 4.26 -27.78
C TYR B 33 -3.83 4.63 -26.32
N LEU B 34 -4.86 4.00 -25.75
CA LEU B 34 -5.30 4.27 -24.38
C LEU B 34 -5.48 2.94 -23.66
N ALA B 35 -4.91 2.83 -22.46
CA ALA B 35 -4.95 1.60 -21.69
C ALA B 35 -5.63 1.84 -20.35
N TRP B 36 -6.03 0.75 -19.71
CA TRP B 36 -6.66 0.77 -18.40
C TRP B 36 -5.96 -0.25 -17.50
N TYR B 37 -5.62 0.16 -16.29
CA TYR B 37 -4.98 -0.71 -15.31
C TYR B 37 -5.85 -0.88 -14.09
N GLN B 38 -5.66 -1.99 -13.39
CA GLN B 38 -6.20 -2.22 -12.06
C GLN B 38 -5.02 -2.46 -11.12
N GLN B 39 -5.00 -1.78 -9.99
CA GLN B 39 -3.94 -1.95 -9.00
C GLN B 39 -4.55 -2.12 -7.62
N LYS B 40 -4.37 -3.28 -7.05
CA LYS B 40 -4.72 -3.57 -5.67
C LYS B 40 -3.55 -3.19 -4.76
N PRO B 41 -3.83 -2.83 -3.51
CA PRO B 41 -2.76 -2.32 -2.63
C PRO B 41 -1.67 -3.38 -2.40
N GLY B 42 -0.43 -2.93 -2.53
CA GLY B 42 0.72 -3.81 -2.35
C GLY B 42 1.14 -4.59 -3.57
N GLN B 43 0.41 -4.47 -4.68
CA GLN B 43 0.69 -5.24 -5.88
C GLN B 43 1.06 -4.33 -7.04
N ALA B 44 1.64 -4.93 -8.07
CA ALA B 44 1.93 -4.22 -9.31
C ALA B 44 0.63 -4.00 -10.08
N PRO B 45 0.61 -3.03 -11.00
CA PRO B 45 -0.60 -2.82 -11.80
C PRO B 45 -0.93 -4.03 -12.66
N ARG B 46 -2.23 -4.23 -12.88
CA ARG B 46 -2.74 -5.32 -13.71
C ARG B 46 -3.38 -4.71 -14.94
N LEU B 47 -2.79 -4.99 -16.11
CA LEU B 47 -3.31 -4.46 -17.36
C LEU B 47 -4.67 -5.10 -17.65
N LEU B 48 -5.71 -4.26 -17.73
CA LEU B 48 -7.05 -4.71 -18.07
C LEU B 48 -7.35 -4.55 -19.56
N ILE B 49 -7.18 -3.34 -20.08
CA ILE B 49 -7.52 -3.01 -21.46
C ILE B 49 -6.38 -2.19 -22.05
N TYR B 50 -6.07 -2.44 -23.32
CA TYR B 50 -5.21 -1.56 -24.09
C TYR B 50 -5.78 -1.43 -25.49
N ASP B 51 -5.29 -0.44 -26.24
CA ASP B 51 -5.86 -0.07 -27.52
C ASP B 51 -7.35 0.25 -27.38
N THR B 52 -7.70 0.92 -26.28
CA THR B 52 -9.04 1.40 -25.97
C THR B 52 -10.03 0.27 -25.68
N SER B 53 -10.07 -0.77 -26.52
CA SER B 53 -11.12 -1.78 -26.43
C SER B 53 -10.63 -3.22 -26.36
N ARG B 54 -9.33 -3.48 -26.50
CA ARG B 54 -8.82 -4.84 -26.52
C ARG B 54 -8.53 -5.31 -25.10
N ARG B 55 -9.24 -6.37 -24.67
CA ARG B 55 -9.01 -6.93 -23.35
C ARG B 55 -7.67 -7.64 -23.29
N ALA B 56 -6.91 -7.40 -22.22
CA ALA B 56 -5.70 -8.16 -22.00
C ALA B 56 -6.02 -9.63 -21.77
N THR B 57 -5.04 -10.48 -22.02
CA THR B 57 -5.28 -11.92 -21.95
C THR B 57 -5.65 -12.34 -20.52
N GLY B 58 -6.69 -13.16 -20.40
CA GLY B 58 -7.18 -13.60 -19.12
C GLY B 58 -8.18 -12.66 -18.46
N ILE B 59 -8.39 -11.48 -19.00
CA ILE B 59 -9.32 -10.53 -18.40
C ILE B 59 -10.75 -10.91 -18.77
N PRO B 60 -11.67 -11.00 -17.80
CA PRO B 60 -13.04 -11.42 -18.11
C PRO B 60 -13.76 -10.39 -18.97
N ASP B 61 -14.93 -10.80 -19.47
CA ASP B 61 -15.72 -9.94 -20.33
C ASP B 61 -16.41 -8.81 -19.57
N ARG B 62 -16.46 -8.88 -18.23
CA ARG B 62 -17.08 -7.82 -17.44
C ARG B 62 -16.30 -6.52 -17.50
N PHE B 63 -15.04 -6.56 -17.94
CA PHE B 63 -14.22 -5.37 -18.13
C PHE B 63 -14.26 -4.99 -19.61
N SER B 64 -14.83 -3.83 -19.91
CA SER B 64 -14.95 -3.36 -21.28
C SER B 64 -14.52 -1.91 -21.37
N GLY B 65 -13.74 -1.59 -22.41
CA GLY B 65 -13.29 -0.24 -22.66
C GLY B 65 -13.81 0.28 -23.98
N SER B 66 -14.00 1.59 -24.06
CA SER B 66 -14.54 2.22 -25.25
C SER B 66 -14.10 3.68 -25.29
N GLY B 67 -14.54 4.39 -26.32
CA GLY B 67 -14.23 5.80 -26.48
C GLY B 67 -13.19 6.02 -27.57
N SER B 68 -12.94 7.30 -27.83
CA SER B 68 -11.96 7.72 -28.83
C SER B 68 -11.66 9.20 -28.62
N ALA B 69 -10.64 9.68 -29.33
CA ALA B 69 -10.21 11.07 -29.29
C ALA B 69 -9.84 11.51 -27.88
N THR B 70 -10.77 12.20 -27.20
CA THR B 70 -10.51 12.75 -25.88
C THR B 70 -11.36 12.14 -24.78
N ASP B 71 -12.31 11.27 -25.10
CA ASP B 71 -13.21 10.68 -24.10
C ASP B 71 -13.06 9.16 -24.16
N PHE B 72 -12.73 8.56 -23.02
CA PHE B 72 -12.56 7.12 -22.92
C PHE B 72 -13.30 6.62 -21.68
N THR B 73 -13.78 5.38 -21.76
CA THR B 73 -14.63 4.82 -20.70
C THR B 73 -14.20 3.39 -20.39
N LEU B 74 -14.04 3.10 -19.10
CA LEU B 74 -13.89 1.73 -18.61
C LEU B 74 -15.14 1.36 -17.84
N THR B 75 -15.72 0.21 -18.18
CA THR B 75 -16.96 -0.25 -17.56
C THR B 75 -16.68 -1.59 -16.87
N ILE B 76 -16.96 -1.64 -15.57
CA ILE B 76 -16.81 -2.86 -14.77
C ILE B 76 -18.21 -3.32 -14.38
N SER B 77 -18.68 -4.38 -15.03
CA SER B 77 -20.00 -4.94 -14.75
C SER B 77 -19.89 -6.09 -13.76
N ARG B 78 -21.01 -6.38 -13.10
CA ARG B 78 -21.13 -7.46 -12.13
C ARG B 78 -20.00 -7.38 -11.10
N LEU B 79 -19.99 -6.26 -10.38
CA LEU B 79 -18.90 -5.95 -9.47
C LEU B 79 -18.74 -7.03 -8.40
N GLU B 80 -17.51 -7.44 -8.17
CA GLU B 80 -17.09 -8.40 -7.16
C GLU B 80 -16.38 -7.68 -6.01
N PRO B 81 -16.40 -8.23 -4.80
CA PRO B 81 -15.55 -7.69 -3.73
C PRO B 81 -14.07 -7.72 -4.08
N ASP B 82 -13.67 -8.56 -5.04
CA ASP B 82 -12.30 -8.57 -5.53
C ASP B 82 -11.91 -7.25 -6.19
N ASP B 83 -12.88 -6.47 -6.64
CA ASP B 83 -12.62 -5.29 -7.46
C ASP B 83 -12.21 -4.06 -6.65
N PHE B 84 -12.11 -4.16 -5.33
CA PHE B 84 -11.60 -3.06 -4.53
C PHE B 84 -10.18 -2.73 -4.97
N ALA B 85 -10.02 -1.60 -5.66
CA ALA B 85 -8.72 -1.20 -6.20
C ALA B 85 -8.83 0.22 -6.71
N ILE B 86 -7.71 0.76 -7.18
CA ILE B 86 -7.65 2.00 -7.93
C ILE B 86 -7.45 1.65 -9.39
N TYR B 87 -8.14 2.36 -10.28
CA TYR B 87 -8.09 2.08 -11.71
C TYR B 87 -7.52 3.28 -12.44
N TYR B 88 -6.41 3.08 -13.14
CA TYR B 88 -5.72 4.12 -13.87
C TYR B 88 -5.96 3.97 -15.36
N CYS B 89 -5.99 5.10 -16.06
CA CYS B 89 -5.93 5.12 -17.53
C CYS B 89 -4.57 5.65 -17.95
N GLN B 90 -4.09 5.17 -19.10
CA GLN B 90 -2.75 5.51 -19.56
C GLN B 90 -2.76 5.60 -21.07
N GLN B 91 -2.34 6.75 -21.61
CA GLN B 91 -2.26 6.95 -23.04
C GLN B 91 -0.82 6.76 -23.52
N TYR B 92 -0.68 6.24 -24.75
CA TYR B 92 0.63 6.04 -25.33
C TYR B 92 0.65 6.36 -26.82
N GLY B 93 -0.26 7.19 -27.30
CA GLY B 93 -0.23 7.63 -28.68
C GLY B 93 0.57 8.89 -28.92
N SER B 94 0.97 9.59 -27.86
CA SER B 94 1.74 10.80 -27.97
C SER B 94 3.20 10.49 -28.29
N SER B 95 4.04 11.54 -28.33
CA SER B 95 5.49 11.44 -28.45
C SER B 95 5.98 10.82 -27.14
N PRO B 96 7.25 10.41 -27.00
CA PRO B 96 7.67 9.50 -25.87
C PRO B 96 6.98 9.78 -24.53
N PRO B 97 6.83 11.06 -24.08
CA PRO B 97 6.10 11.28 -22.83
C PRO B 97 4.75 10.58 -22.77
N VAL B 98 4.70 9.40 -22.17
CA VAL B 98 3.44 8.69 -21.94
C VAL B 98 2.93 9.08 -20.56
N THR B 99 1.62 9.29 -20.44
CA THR B 99 1.06 9.85 -19.23
C THR B 99 0.08 8.89 -18.59
N PHE B 100 -0.15 9.10 -17.30
CA PHE B 100 -1.10 8.33 -16.51
C PHE B 100 -2.15 9.25 -15.93
N GLY B 101 -3.35 8.72 -15.75
CA GLY B 101 -4.35 9.38 -14.95
C GLY B 101 -4.02 9.25 -13.47
N HIS B 102 -4.77 9.98 -12.66
CA HIS B 102 -4.58 9.94 -11.21
C HIS B 102 -5.44 8.89 -10.53
N GLY B 103 -6.31 8.21 -11.26
CA GLY B 103 -6.96 7.03 -10.75
C GLY B 103 -8.36 7.30 -10.24
N THR B 104 -9.21 6.27 -10.33
CA THR B 104 -10.52 6.22 -9.71
C THR B 104 -10.52 5.06 -8.74
N LYS B 105 -10.72 5.35 -7.46
CA LYS B 105 -10.73 4.32 -6.42
C LYS B 105 -12.14 3.78 -6.25
N VAL B 106 -12.26 2.46 -6.33
CA VAL B 106 -13.56 1.79 -6.30
C VAL B 106 -13.69 1.04 -4.98
N GLU B 107 -14.75 1.34 -4.24
CA GLU B 107 -15.09 0.64 -3.02
C GLU B 107 -16.36 -0.17 -3.21
N ILE B 108 -16.41 -1.34 -2.56
CA ILE B 108 -17.58 -2.21 -2.64
C ILE B 108 -18.51 -1.89 -1.47
N LYS B 109 -19.76 -1.57 -1.78
CA LYS B 109 -20.72 -1.17 -0.76
C LYS B 109 -21.37 -2.39 -0.12
N ARG B 110 -21.68 -2.27 1.16
CA ARG B 110 -22.34 -3.33 1.91
C ARG B 110 -23.19 -2.70 3.01
N THR B 111 -23.82 -3.56 3.82
CA THR B 111 -24.66 -3.07 4.91
C THR B 111 -23.80 -2.48 6.01
N VAL B 112 -24.39 -1.53 6.75
CA VAL B 112 -23.69 -0.88 7.84
C VAL B 112 -23.39 -1.87 8.96
N ALA B 113 -22.15 -1.84 9.46
CA ALA B 113 -21.74 -2.71 10.55
C ALA B 113 -20.95 -1.90 11.57
N ALA B 114 -21.38 -1.95 12.82
CA ALA B 114 -20.71 -1.23 13.88
C ALA B 114 -19.38 -1.90 14.23
N PRO B 115 -18.39 -1.13 14.67
CA PRO B 115 -17.09 -1.72 15.00
C PRO B 115 -17.05 -2.27 16.41
N SER B 116 -16.23 -3.31 16.58
CA SER B 116 -15.82 -3.76 17.90
C SER B 116 -14.56 -2.99 18.26
N VAL B 117 -14.51 -2.46 19.49
CA VAL B 117 -13.47 -1.55 19.90
C VAL B 117 -12.63 -2.19 21.00
N PHE B 118 -11.32 -1.99 20.91
CA PHE B 118 -10.38 -2.45 21.93
C PHE B 118 -9.36 -1.35 22.18
N ILE B 119 -8.81 -1.32 23.39
CA ILE B 119 -7.80 -0.33 23.78
C ILE B 119 -6.65 -1.05 24.45
N PHE B 120 -5.43 -0.63 24.12
CA PHE B 120 -4.22 -1.27 24.62
C PHE B 120 -3.40 -0.27 25.43
N PRO B 121 -3.19 -0.48 26.72
CA PRO B 121 -2.25 0.37 27.45
C PRO B 121 -0.84 0.14 26.93
N PRO B 122 0.06 1.12 27.09
CA PRO B 122 1.44 0.92 26.66
C PRO B 122 2.08 -0.23 27.43
N SER B 123 2.81 -1.06 26.69
CA SER B 123 3.45 -2.22 27.30
C SER B 123 4.49 -1.77 28.33
N ASP B 124 4.68 -2.62 29.35
CA ASP B 124 5.75 -2.37 30.31
C ASP B 124 7.11 -2.34 29.63
N GLU B 125 7.27 -3.09 28.53
CA GLU B 125 8.51 -3.05 27.77
C GLU B 125 8.74 -1.66 27.16
N GLN B 126 7.68 -1.07 26.59
CA GLN B 126 7.83 0.24 25.98
C GLN B 126 8.05 1.32 27.03
N LEU B 127 7.35 1.23 28.16
CA LEU B 127 7.59 2.18 29.25
C LEU B 127 9.01 2.05 29.78
N LYS B 128 9.60 0.86 29.71
CA LYS B 128 11.01 0.69 30.02
C LYS B 128 11.91 1.42 29.02
N SER B 129 11.37 1.78 27.86
CA SER B 129 12.16 2.41 26.80
C SER B 129 12.04 3.93 26.81
N GLY B 130 11.19 4.50 27.66
CA GLY B 130 11.08 5.94 27.78
C GLY B 130 9.95 6.56 26.98
N THR B 131 9.24 5.79 26.17
CA THR B 131 8.12 6.28 25.39
C THR B 131 6.86 5.50 25.76
N ALA B 132 5.70 6.05 25.41
CA ALA B 132 4.42 5.46 25.75
C ALA B 132 3.46 5.63 24.59
N SER B 133 2.93 4.52 24.09
CA SER B 133 1.95 4.52 23.02
C SER B 133 0.68 3.84 23.51
N VAL B 134 -0.47 4.45 23.25
CA VAL B 134 -1.77 3.88 23.58
C VAL B 134 -2.51 3.64 22.27
N VAL B 135 -2.96 2.40 22.06
CA VAL B 135 -3.53 1.97 20.80
C VAL B 135 -5.01 1.67 20.99
N CYS B 136 -5.84 2.15 20.06
CA CYS B 136 -7.26 1.87 20.03
C CYS B 136 -7.59 1.20 18.70
N LEU B 137 -8.26 0.06 18.76
CA LEU B 137 -8.53 -0.76 17.59
C LEU B 137 -10.02 -0.74 17.25
N LEU B 138 -10.33 -0.55 15.97
CA LEU B 138 -11.68 -0.69 15.45
C LEU B 138 -11.65 -1.82 14.43
N ASN B 139 -12.52 -2.81 14.60
CA ASN B 139 -12.46 -4.03 13.80
C ASN B 139 -13.79 -4.32 13.14
N ASN B 140 -13.73 -4.74 11.87
CA ASN B 140 -14.85 -5.33 11.15
C ASN B 140 -16.06 -4.38 11.13
N PHE B 141 -15.85 -3.22 10.52
CA PHE B 141 -16.91 -2.21 10.43
C PHE B 141 -17.03 -1.67 9.01
N TYR B 142 -18.15 -1.00 8.76
CA TYR B 142 -18.46 -0.34 7.50
C TYR B 142 -19.58 0.66 7.78
N PRO B 143 -19.53 1.87 7.21
CA PRO B 143 -18.55 2.38 6.24
C PRO B 143 -17.20 2.76 6.84
N ARG B 144 -16.31 3.25 5.98
CA ARG B 144 -14.95 3.60 6.41
C ARG B 144 -14.96 4.78 7.38
N GLU B 145 -15.89 5.72 7.19
CA GLU B 145 -15.91 6.93 8.01
C GLU B 145 -16.12 6.59 9.48
N ALA B 146 -15.22 7.10 10.33
CA ALA B 146 -15.29 6.85 11.76
C ALA B 146 -14.54 7.95 12.49
N LYS B 147 -15.07 8.37 13.62
CA LYS B 147 -14.47 9.40 14.46
C LYS B 147 -13.92 8.74 15.71
N VAL B 148 -12.61 8.90 15.93
CA VAL B 148 -11.93 8.32 17.09
C VAL B 148 -11.29 9.47 17.86
N GLN B 149 -11.67 9.62 19.12
CA GLN B 149 -11.19 10.70 19.97
C GLN B 149 -10.59 10.15 21.24
N TRP B 150 -9.44 10.70 21.63
CA TRP B 150 -8.75 10.30 22.84
C TRP B 150 -9.05 11.29 23.97
N LYS B 151 -9.33 10.76 25.15
CA LYS B 151 -9.54 11.57 26.35
C LYS B 151 -8.60 11.06 27.43
N VAL B 152 -7.76 11.94 27.96
CA VAL B 152 -6.84 11.62 29.05
C VAL B 152 -7.32 12.35 30.29
N ASP B 153 -7.77 11.60 31.29
CA ASP B 153 -8.40 12.16 32.48
C ASP B 153 -9.54 13.09 32.10
N ASN B 154 -10.36 12.63 31.15
CA ASN B 154 -11.52 13.32 30.58
C ASN B 154 -11.14 14.55 29.74
N ALA B 155 -9.85 14.82 29.55
CA ALA B 155 -9.42 15.96 28.75
C ALA B 155 -9.25 15.52 27.31
N LEU B 156 -9.99 16.16 26.41
CA LEU B 156 -9.96 15.79 25.00
C LEU B 156 -8.59 16.09 24.40
N GLN B 157 -8.05 15.14 23.65
CA GLN B 157 -6.74 15.25 23.03
C GLN B 157 -6.87 15.75 21.60
N SER B 158 -5.77 16.30 21.09
CA SER B 158 -5.73 16.85 19.75
C SER B 158 -4.30 16.80 19.21
N GLY B 159 -4.16 16.40 17.95
CA GLY B 159 -2.89 16.47 17.26
C GLY B 159 -1.83 15.48 17.72
N ASN B 160 -2.12 14.63 18.69
CA ASN B 160 -1.12 13.71 19.22
C ASN B 160 -1.52 12.25 18.96
N SER B 161 -2.31 12.00 17.93
CA SER B 161 -2.69 10.65 17.56
C SER B 161 -2.64 10.51 16.05
N GLN B 162 -2.27 9.30 15.59
CA GLN B 162 -2.18 8.98 14.18
C GLN B 162 -3.02 7.74 13.89
N GLU B 163 -3.76 7.79 12.79
CA GLU B 163 -4.64 6.69 12.39
C GLU B 163 -4.05 5.92 11.21
N SER B 164 -4.44 4.65 11.10
CA SER B 164 -4.10 3.83 9.95
C SER B 164 -5.26 2.87 9.71
N VAL B 165 -5.60 2.67 8.43
CA VAL B 165 -6.77 1.88 8.04
C VAL B 165 -6.32 0.79 7.09
N THR B 166 -6.94 -0.38 7.22
CA THR B 166 -6.66 -1.50 6.33
C THR B 166 -7.44 -1.36 5.03
N GLU B 167 -7.02 -2.14 4.03
CA GLU B 167 -7.79 -2.26 2.81
C GLU B 167 -9.12 -2.95 3.09
N GLN B 168 -10.09 -2.74 2.20
CA GLN B 168 -11.38 -3.40 2.33
C GLN B 168 -11.20 -4.91 2.29
N ASP B 169 -11.85 -5.61 3.22
CA ASP B 169 -11.66 -7.05 3.34
C ASP B 169 -12.23 -7.76 2.12
N SER B 170 -11.50 -8.79 1.66
CA SER B 170 -11.89 -9.50 0.45
C SER B 170 -13.21 -10.23 0.62
N LYS B 171 -13.51 -10.71 1.83
CA LYS B 171 -14.69 -11.52 2.06
C LYS B 171 -15.91 -10.68 2.45
N ASP B 172 -15.83 -9.97 3.58
CA ASP B 172 -16.99 -9.28 4.12
C ASP B 172 -17.01 -7.78 3.81
N SER B 173 -16.03 -7.27 3.07
CA SER B 173 -16.01 -5.88 2.62
C SER B 173 -16.00 -4.88 3.77
N THR B 174 -15.37 -5.24 4.89
CA THR B 174 -15.29 -4.36 6.04
C THR B 174 -13.89 -3.78 6.18
N TYR B 175 -13.77 -2.81 7.09
CA TYR B 175 -12.50 -2.15 7.37
C TYR B 175 -12.10 -2.41 8.82
N SER B 176 -10.82 -2.18 9.10
CA SER B 176 -10.30 -2.16 10.46
C SER B 176 -9.39 -0.96 10.60
N LEU B 177 -9.47 -0.27 11.74
CA LEU B 177 -8.76 0.98 11.95
C LEU B 177 -8.02 0.93 13.28
N SER B 178 -6.85 1.57 13.31
CA SER B 178 -6.07 1.73 14.53
C SER B 178 -5.80 3.21 14.75
N SER B 179 -5.85 3.62 16.02
CA SER B 179 -5.52 4.98 16.43
C SER B 179 -4.48 4.90 17.54
N THR B 180 -3.34 5.54 17.34
CA THR B 180 -2.20 5.42 18.25
C THR B 180 -1.91 6.78 18.87
N LEU B 181 -2.09 6.88 20.18
CA LEU B 181 -1.82 8.11 20.92
C LEU B 181 -0.40 8.06 21.47
N THR B 182 0.36 9.13 21.24
CA THR B 182 1.74 9.23 21.67
C THR B 182 1.86 10.27 22.77
N LEU B 183 2.57 9.92 23.84
CA LEU B 183 2.81 10.85 24.94
C LEU B 183 4.05 10.39 25.68
N SER B 184 4.62 11.30 26.47
CA SER B 184 5.82 10.99 27.23
C SER B 184 5.50 9.96 28.31
N LYS B 185 6.53 9.24 28.74
CA LYS B 185 6.36 8.28 29.83
C LYS B 185 6.03 9.00 31.13
N ALA B 186 6.58 10.20 31.33
CA ALA B 186 6.32 10.95 32.55
C ALA B 186 4.85 11.32 32.66
N ASP B 187 4.28 11.83 31.57
CA ASP B 187 2.88 12.24 31.62
C ASP B 187 1.93 11.05 31.63
N TYR B 188 2.36 9.91 31.06
CA TYR B 188 1.52 8.72 31.14
C TYR B 188 1.34 8.30 32.59
N GLU B 189 2.40 8.34 33.39
CA GLU B 189 2.32 7.99 34.81
C GLU B 189 1.65 9.08 35.63
N LYS B 190 1.40 10.26 35.05
CA LYS B 190 0.80 11.37 35.77
C LYS B 190 -0.72 11.41 35.65
N HIS B 191 -1.32 10.52 34.86
CA HIS B 191 -2.76 10.50 34.68
C HIS B 191 -3.28 9.08 34.86
N LYS B 192 -4.58 8.98 35.12
CA LYS B 192 -5.21 7.72 35.48
C LYS B 192 -6.08 7.14 34.37
N VAL B 193 -7.06 7.90 33.89
CA VAL B 193 -8.06 7.38 32.96
C VAL B 193 -7.61 7.67 31.53
N TYR B 194 -7.52 6.62 30.72
CA TYR B 194 -7.24 6.72 29.29
C TYR B 194 -8.39 6.07 28.54
N ALA B 195 -9.09 6.87 27.72
CA ALA B 195 -10.32 6.44 27.08
C ALA B 195 -10.26 6.68 25.59
N CYS B 196 -10.81 5.75 24.83
CA CYS B 196 -10.96 5.88 23.38
C CYS B 196 -12.45 5.93 23.06
N GLU B 197 -12.89 7.02 22.44
CA GLU B 197 -14.30 7.27 22.15
C GLU B 197 -14.51 7.20 20.65
N VAL B 198 -15.44 6.35 20.22
CA VAL B 198 -15.62 6.02 18.81
C VAL B 198 -17.03 6.41 18.39
N THR B 199 -17.13 7.12 17.27
CA THR B 199 -18.41 7.46 16.65
C THR B 199 -18.47 6.82 15.27
N HIS B 200 -19.59 6.17 14.97
CA HIS B 200 -19.75 5.47 13.71
C HIS B 200 -21.24 5.34 13.40
N GLN B 201 -21.56 5.23 12.11
CA GLN B 201 -22.96 5.20 11.69
C GLN B 201 -23.70 4.00 12.27
N GLY B 202 -23.00 2.92 12.58
CA GLY B 202 -23.60 1.74 13.16
C GLY B 202 -23.82 1.77 14.65
N LEU B 203 -23.55 2.91 15.29
CA LEU B 203 -23.71 3.05 16.73
C LEU B 203 -24.70 4.16 17.04
N SER B 204 -25.72 3.84 17.85
CA SER B 204 -26.70 4.84 18.23
C SER B 204 -26.07 5.96 19.04
N SER B 205 -25.09 5.62 19.87
CA SER B 205 -24.36 6.59 20.68
C SER B 205 -22.89 6.18 20.69
N PRO B 206 -21.97 7.15 20.87
CA PRO B 206 -20.55 6.82 20.83
C PRO B 206 -20.15 5.81 21.90
N VAL B 207 -19.26 4.89 21.52
CA VAL B 207 -18.76 3.84 22.41
C VAL B 207 -17.43 4.30 22.99
N THR B 208 -17.21 3.98 24.27
CA THR B 208 -15.99 4.36 24.96
C THR B 208 -15.36 3.12 25.58
N LYS B 209 -14.13 2.83 25.18
CA LYS B 209 -13.30 1.81 25.83
C LYS B 209 -12.20 2.53 26.60
N SER B 210 -11.99 2.12 27.85
CA SER B 210 -11.06 2.83 28.71
C SER B 210 -10.40 1.86 29.68
N PHE B 211 -9.34 2.36 30.33
CA PHE B 211 -8.66 1.63 31.39
C PHE B 211 -8.06 2.64 32.36
N ASN B 212 -7.80 2.18 33.57
CA ASN B 212 -7.03 2.94 34.55
C ASN B 212 -5.61 2.39 34.59
N ARG B 213 -4.64 3.27 34.88
CA ARG B 213 -3.23 2.91 34.79
C ARG B 213 -2.86 1.82 35.79
N GLY B 214 -3.80 1.43 36.64
CA GLY B 214 -3.62 0.28 37.50
C GLY B 214 -4.72 -0.74 37.25
N GLU B 215 -4.49 -1.65 36.31
CA GLU B 215 -5.54 -2.58 35.89
C GLU B 215 -5.19 -4.03 36.20
N CYS B 216 -4.64 -4.74 35.21
CA CYS B 216 -4.35 -6.17 35.31
C CYS B 216 -5.60 -6.96 35.66
#